data_5DZE
#
_entry.id   5DZE
#
_cell.length_a   45.150
_cell.length_b   52.020
_cell.length_c   83.060
_cell.angle_alpha   90.000
_cell.angle_beta   90.000
_cell.angle_gamma   90.000
#
_symmetry.space_group_name_H-M   'P 21 21 21'
#
loop_
_entity.id
_entity.type
_entity.pdbx_description
1 polymer endo-glucanase
2 branched beta-D-glucopyranose-(1-4)-beta-D-glucopyranose-(1-4)-beta-D-glucopyranose-(1-4)-alpha-D-glucopyranose
3 non-polymer beta-D-glucopyranose
4 water water
#
_entity_poly.entity_id   1
_entity_poly.type   'polypeptide(L)'
_entity_poly.pdbx_seq_one_letter_code
;MADPSLHHEAQPLKFIAVDYCPESCTHSPESSTITLTFDHRGGSRWRSTTRFQYGTFSSLIQCPKGNTSGLNFNIYLSSL
EGDKSQDAIDFEFLGKDKRIVQTNYYTAGTGNREAIHDLGFDCSDGFHEYVIKWGPDLIQWLIDGKVIRSVRADGEGFPQ
KPMFLYASVWDASYIDEGRWTGPYVGCDAPYICLYKNVNVPVGTAVE
;
_entity_poly.pdbx_strand_id   A
#
loop_
_chem_comp.id
_chem_comp.type
_chem_comp.name
_chem_comp.formula
BGC D-saccharide, beta linking beta-D-glucopyranose 'C6 H12 O6'
GLC D-saccharide, alpha linking alpha-D-glucopyranose 'C6 H12 O6'
#
# COMPACT_ATOMS: atom_id res chain seq x y z
N GLU A 9 18.88 1.00 -8.25
CA GLU A 9 19.30 -0.38 -8.01
C GLU A 9 18.26 -1.12 -7.16
N ALA A 10 17.51 -1.99 -7.83
CA ALA A 10 16.32 -2.62 -7.27
C ALA A 10 16.47 -4.13 -7.25
N GLN A 11 15.75 -4.77 -6.33
CA GLN A 11 15.74 -6.22 -6.28
C GLN A 11 14.37 -6.67 -5.85
N PRO A 12 13.99 -7.88 -6.25
CA PRO A 12 12.72 -8.43 -5.77
C PRO A 12 12.67 -8.57 -4.27
N LEU A 13 11.50 -8.30 -3.71
CA LEU A 13 11.22 -8.61 -2.31
C LEU A 13 10.66 -10.06 -2.15
N LYS A 14 11.50 -10.98 -1.72
CA LYS A 14 11.11 -12.37 -1.58
C LYS A 14 10.91 -12.77 -0.13
N PHE A 15 11.60 -12.09 0.79
CA PHE A 15 11.46 -12.40 2.20
C PHE A 15 10.44 -11.42 2.79
N ILE A 16 9.29 -11.97 3.15
CA ILE A 16 8.21 -11.20 3.74
C ILE A 16 7.83 -11.76 5.10
N ALA A 17 7.13 -10.93 5.84
CA ALA A 17 6.43 -11.34 7.04
C ALA A 17 4.93 -11.06 6.84
N VAL A 18 4.10 -11.83 7.52
CA VAL A 18 2.67 -11.65 7.48
C VAL A 18 2.21 -11.33 8.91
N ASP A 19 1.62 -10.15 9.10
CA ASP A 19 1.36 -9.66 10.46
C ASP A 19 0.14 -10.29 11.14
N TYR A 20 -0.85 -10.73 10.36
CA TYR A 20 -2.02 -11.41 10.90
C TYR A 20 -2.67 -12.18 9.78
N CYS A 21 -3.47 -13.18 10.16
N CYS A 21 -3.47 -13.19 10.14
CA CYS A 21 -4.23 -14.00 9.23
CA CYS A 21 -4.30 -13.93 9.19
C CYS A 21 -3.42 -14.44 8.04
C CYS A 21 -3.49 -14.50 8.01
N PRO A 22 -2.46 -15.33 8.29
CA PRO A 22 -1.66 -15.86 7.19
C PRO A 22 -2.47 -16.69 6.20
N GLU A 23 -3.63 -17.18 6.62
N GLU A 23 -3.64 -17.19 6.62
CA GLU A 23 -4.51 -17.92 5.74
CA GLU A 23 -4.57 -17.88 5.71
C GLU A 23 -5.11 -17.03 4.62
C GLU A 23 -4.91 -17.02 4.52
N SER A 24 -4.94 -15.71 4.75
CA SER A 24 -5.43 -14.76 3.75
C SER A 24 -4.32 -14.03 3.00
N CYS A 25 -3.09 -14.52 3.12
CA CYS A 25 -1.98 -14.04 2.32
C CYS A 25 -1.37 -15.25 1.62
N THR A 26 -1.18 -15.15 0.31
N THR A 26 -1.09 -15.15 0.33
CA THR A 26 -0.45 -16.17 -0.44
CA THR A 26 -0.50 -16.26 -0.41
C THR A 26 0.79 -15.56 -1.05
C THR A 26 0.62 -15.77 -1.29
N HIS A 27 1.81 -16.37 -1.15
CA HIS A 27 2.99 -15.97 -1.87
C HIS A 27 3.39 -17.10 -2.78
N SER A 28 3.54 -16.74 -4.06
CA SER A 28 4.04 -17.65 -5.10
CA SER A 28 4.03 -17.64 -5.08
C SER A 28 5.33 -17.06 -5.63
N PRO A 29 6.48 -17.45 -5.06
CA PRO A 29 7.74 -16.85 -5.52
C PRO A 29 8.01 -17.09 -7.00
N GLU A 30 7.58 -18.24 -7.52
CA GLU A 30 7.86 -18.57 -8.92
CA GLU A 30 7.86 -18.58 -8.92
C GLU A 30 7.18 -17.61 -9.88
N SER A 31 6.07 -17.01 -9.44
CA SER A 31 5.36 -16.02 -10.24
C SER A 31 5.53 -14.62 -9.69
N SER A 32 6.43 -14.45 -8.74
CA SER A 32 6.70 -13.16 -8.11
C SER A 32 5.41 -12.49 -7.63
N THR A 33 4.45 -13.26 -7.14
CA THR A 33 3.13 -12.73 -6.79
C THR A 33 2.78 -12.99 -5.35
N ILE A 34 2.28 -11.95 -4.69
CA ILE A 34 1.73 -12.03 -3.35
C ILE A 34 0.27 -11.63 -3.47
N THR A 35 -0.63 -12.41 -2.89
CA THR A 35 -2.05 -12.04 -2.89
CA THR A 35 -2.03 -12.07 -2.89
C THR A 35 -2.55 -11.86 -1.48
N LEU A 36 -3.45 -10.90 -1.33
CA LEU A 36 -4.17 -10.65 -0.08
C LEU A 36 -5.65 -10.84 -0.37
N THR A 37 -6.34 -11.53 0.52
CA THR A 37 -7.75 -11.78 0.38
C THR A 37 -8.55 -11.18 1.52
N PHE A 38 -9.66 -10.55 1.18
CA PHE A 38 -10.62 -10.07 2.16
C PHE A 38 -11.92 -10.85 1.98
N ASP A 39 -12.43 -11.35 3.10
N ASP A 39 -12.40 -11.46 3.07
CA ASP A 39 -13.78 -11.87 3.13
CA ASP A 39 -13.55 -12.37 3.03
C ASP A 39 -14.32 -11.82 4.53
C ASP A 39 -13.94 -12.59 4.51
N HIS A 40 -15.23 -12.72 4.83
CA HIS A 40 -15.80 -12.63 6.21
C HIS A 40 -14.82 -12.79 7.36
N ARG A 41 -13.66 -13.42 7.12
CA ARG A 41 -12.64 -13.51 8.17
C ARG A 41 -11.76 -12.25 8.23
N GLY A 42 -12.09 -11.19 7.49
CA GLY A 42 -11.21 -10.07 7.51
C GLY A 42 -10.24 -10.18 6.37
N GLY A 43 -9.14 -9.47 6.55
CA GLY A 43 -8.09 -9.41 5.55
C GLY A 43 -6.76 -9.86 6.13
N SER A 44 -5.69 -9.26 5.63
CA SER A 44 -4.33 -9.59 6.04
C SER A 44 -3.40 -8.45 5.64
N ARG A 45 -2.16 -8.56 6.08
CA ARG A 45 -1.14 -7.54 5.87
C ARG A 45 0.21 -8.24 5.75
N TRP A 46 0.96 -7.90 4.69
CA TRP A 46 2.33 -8.37 4.54
C TRP A 46 3.29 -7.18 4.67
N ARG A 47 4.55 -7.50 4.92
CA ARG A 47 5.57 -6.48 5.01
C ARG A 47 6.94 -7.07 4.67
N SER A 48 7.86 -6.20 4.32
CA SER A 48 9.26 -6.57 4.31
C SER A 48 9.72 -6.95 5.72
N THR A 49 10.77 -7.76 5.79
CA THR A 49 11.34 -8.14 7.07
C THR A 49 12.38 -7.15 7.58
N THR A 50 12.87 -6.31 6.69
CA THR A 50 13.81 -5.26 7.05
CA THR A 50 13.82 -5.27 7.06
C THR A 50 13.18 -3.90 6.82
N ARG A 51 13.66 -2.94 7.57
CA ARG A 51 13.42 -1.56 7.25
C ARG A 51 14.45 -1.05 6.26
N PHE A 52 14.15 0.10 5.66
CA PHE A 52 14.96 0.74 4.65
C PHE A 52 15.12 2.20 5.02
N GLN A 53 16.26 2.78 4.65
CA GLN A 53 16.51 4.21 4.82
C GLN A 53 16.60 4.85 3.44
N TYR A 54 15.44 5.28 2.94
CA TYR A 54 15.24 5.87 1.63
C TYR A 54 15.29 4.83 0.51
N GLY A 55 14.89 5.26 -0.69
CA GLY A 55 14.99 4.45 -1.88
C GLY A 55 13.70 4.45 -2.69
N THR A 56 13.73 3.63 -3.73
CA THR A 56 12.59 3.43 -4.62
C THR A 56 11.95 2.08 -4.34
N PHE A 57 10.62 2.10 -4.23
CA PHE A 57 9.82 0.92 -3.90
C PHE A 57 8.73 0.80 -4.95
N SER A 58 8.48 -0.39 -5.47
CA SER A 58 7.48 -0.50 -6.52
C SER A 58 6.76 -1.83 -6.46
N SER A 59 5.58 -1.83 -7.06
CA SER A 59 4.84 -3.07 -7.26
C SER A 59 3.91 -2.90 -8.43
N LEU A 60 3.66 -3.99 -9.15
CA LEU A 60 2.46 -4.09 -9.96
C LEU A 60 1.32 -4.46 -8.98
N ILE A 61 0.16 -3.85 -9.16
CA ILE A 61 -0.99 -4.16 -8.30
C ILE A 61 -2.21 -4.27 -9.22
N GLN A 62 -3.01 -5.30 -8.97
N GLN A 62 -2.99 -5.33 -8.98
CA GLN A 62 -4.34 -5.42 -9.56
CA GLN A 62 -4.34 -5.48 -9.54
C GLN A 62 -5.34 -5.58 -8.43
C GLN A 62 -5.28 -5.55 -8.33
N CYS A 63 -6.15 -4.56 -8.23
CA CYS A 63 -7.04 -4.50 -7.09
CA CYS A 63 -7.09 -4.44 -7.10
C CYS A 63 -8.20 -5.47 -7.24
N PRO A 64 -8.93 -5.73 -6.15
CA PRO A 64 -10.01 -6.69 -6.22
C PRO A 64 -11.13 -6.31 -7.17
N LYS A 65 -11.74 -7.35 -7.71
CA LYS A 65 -12.89 -7.22 -8.59
C LYS A 65 -14.19 -6.91 -7.85
N GLY A 66 -15.17 -6.38 -8.56
CA GLY A 66 -16.49 -6.25 -8.00
C GLY A 66 -16.67 -5.04 -7.11
N ASN A 67 -17.71 -5.10 -6.29
CA ASN A 67 -18.09 -3.95 -5.49
C ASN A 67 -17.23 -3.93 -4.22
N THR A 68 -16.17 -3.14 -4.25
CA THR A 68 -15.21 -3.05 -3.16
C THR A 68 -15.54 -1.97 -2.14
N SER A 69 -16.78 -1.46 -2.14
CA SER A 69 -17.14 -0.44 -1.18
C SER A 69 -16.75 -0.85 0.24
N GLY A 70 -16.22 0.10 0.99
CA GLY A 70 -15.82 -0.10 2.36
C GLY A 70 -14.36 -0.48 2.54
N LEU A 71 -13.81 -1.21 1.57
CA LEU A 71 -12.46 -1.71 1.70
C LEU A 71 -11.42 -0.64 1.41
N ASN A 72 -10.26 -0.83 2.04
CA ASN A 72 -9.04 -0.09 1.77
C ASN A 72 -8.01 -1.15 1.35
N PHE A 73 -7.48 -0.98 0.14
N PHE A 73 -7.45 -1.03 0.18
CA PHE A 73 -6.36 -1.75 -0.46
CA PHE A 73 -6.31 -1.86 -0.21
C PHE A 73 -5.20 -0.79 -0.53
C PHE A 73 -5.21 -0.88 -0.58
N ASN A 74 -3.96 -1.25 -0.35
CA ASN A 74 -2.91 -0.25 -0.28
C ASN A 74 -1.53 -0.84 -0.54
N ILE A 75 -0.57 0.07 -0.64
CA ILE A 75 0.85 -0.26 -0.47
C ILE A 75 1.47 0.97 0.16
N TYR A 76 2.34 0.80 1.14
CA TYR A 76 2.82 1.96 1.87
C TYR A 76 4.12 1.62 2.58
N LEU A 77 4.83 2.66 2.95
CA LEU A 77 5.97 2.58 3.84
C LEU A 77 5.53 3.06 5.23
N SER A 78 5.97 2.39 6.29
CA SER A 78 5.77 2.91 7.63
C SER A 78 6.90 2.44 8.52
N SER A 79 7.25 3.30 9.47
CA SER A 79 8.30 2.98 10.42
C SER A 79 7.89 1.83 11.34
N LEU A 80 6.59 1.70 11.60
CA LEU A 80 6.06 0.58 12.40
C LEU A 80 4.54 0.69 12.41
N GLU A 81 3.86 -0.29 11.85
CA GLU A 81 2.40 -0.26 11.83
C GLU A 81 1.90 -0.41 13.26
N GLY A 82 1.06 0.52 13.66
CA GLY A 82 0.48 0.54 14.99
C GLY A 82 1.16 1.54 15.90
N ASP A 83 2.35 2.01 15.54
CA ASP A 83 3.02 3.07 16.31
CA ASP A 83 3.00 3.06 16.33
C ASP A 83 2.30 4.39 16.10
N LYS A 84 2.04 5.11 17.19
CA LYS A 84 1.34 6.38 17.14
C LYS A 84 2.19 7.57 16.78
N SER A 85 3.50 7.37 16.69
N SER A 85 3.50 7.37 16.69
CA SER A 85 4.43 8.41 16.28
CA SER A 85 4.41 8.45 16.27
C SER A 85 5.17 8.00 15.01
C SER A 85 5.14 8.07 14.98
N GLN A 86 4.46 7.35 14.11
CA GLN A 86 5.10 6.79 12.91
CA GLN A 86 5.09 6.80 12.92
C GLN A 86 5.41 7.84 11.86
N ASP A 87 6.40 7.51 11.06
CA ASP A 87 6.58 8.10 9.75
C ASP A 87 5.99 7.10 8.73
N ALA A 88 5.37 7.60 7.65
CA ALA A 88 4.78 6.73 6.66
C ALA A 88 4.56 7.47 5.36
N ILE A 89 4.47 6.73 4.27
CA ILE A 89 4.16 7.27 2.93
C ILE A 89 3.21 6.27 2.27
N ASP A 90 2.06 6.75 1.78
N ASP A 90 2.04 6.71 1.82
CA ASP A 90 0.95 5.87 1.40
CA ASP A 90 0.99 5.78 1.40
C ASP A 90 0.47 5.99 -0.05
C ASP A 90 0.46 5.98 0.00
N PHE A 91 0.07 4.85 -0.60
CA PHE A 91 -0.97 4.76 -1.63
C PHE A 91 -2.13 3.97 -0.98
N GLU A 92 -3.33 4.55 -0.95
CA GLU A 92 -4.52 3.86 -0.41
C GLU A 92 -5.65 3.99 -1.42
N PHE A 93 -6.12 2.85 -1.88
CA PHE A 93 -7.33 2.78 -2.70
C PHE A 93 -8.54 2.78 -1.76
N LEU A 94 -9.55 3.56 -2.14
CA LEU A 94 -10.77 3.73 -1.38
C LEU A 94 -11.85 2.99 -2.13
N GLY A 95 -12.35 1.91 -1.54
CA GLY A 95 -13.07 0.92 -2.30
C GLY A 95 -14.36 1.35 -2.96
N LYS A 96 -14.99 2.41 -2.49
CA LYS A 96 -16.20 2.94 -3.13
CA LYS A 96 -16.20 2.94 -3.13
C LYS A 96 -15.94 3.52 -4.52
N ASP A 97 -14.68 3.81 -4.85
CA ASP A 97 -14.36 4.46 -6.13
C ASP A 97 -13.05 3.89 -6.65
N LYS A 98 -13.07 2.92 -7.55
N LYS A 98 -13.20 2.97 -7.59
CA LYS A 98 -11.81 2.33 -8.04
CA LYS A 98 -12.13 2.16 -8.13
C LYS A 98 -11.12 3.13 -9.16
C LYS A 98 -11.35 2.90 -9.21
N ARG A 99 -11.58 4.36 -9.43
N ARG A 99 -11.67 4.17 -9.39
CA ARG A 99 -10.94 5.23 -10.42
CA ARG A 99 -10.98 5.00 -10.37
C ARG A 99 -10.15 6.34 -9.75
C ARG A 99 -10.18 6.13 -9.76
N ILE A 100 -9.91 6.21 -8.45
N ILE A 100 -9.94 6.09 -8.44
CA ILE A 100 -9.07 7.14 -7.70
CA ILE A 100 -9.04 7.05 -7.80
C ILE A 100 -8.08 6.35 -6.87
C ILE A 100 -8.02 6.31 -6.94
N VAL A 101 -7.06 7.06 -6.42
CA VAL A 101 -6.23 6.57 -5.32
C VAL A 101 -5.91 7.77 -4.45
N GLN A 102 -5.74 7.53 -3.16
CA GLN A 102 -5.36 8.55 -2.21
C GLN A 102 -3.89 8.40 -1.86
N THR A 103 -3.15 9.50 -1.85
CA THR A 103 -1.79 9.53 -1.32
C THR A 103 -1.79 10.35 -0.04
N ASN A 104 -0.81 10.07 0.81
CA ASN A 104 -0.70 10.74 2.10
C ASN A 104 0.68 10.44 2.65
N TYR A 105 1.11 11.19 3.64
CA TYR A 105 2.33 10.85 4.37
CA TYR A 105 2.33 10.86 4.36
C TYR A 105 2.21 11.39 5.78
N TYR A 106 2.93 10.70 6.67
CA TYR A 106 2.89 10.93 8.09
C TYR A 106 4.29 11.23 8.59
N THR A 107 4.33 12.14 9.58
CA THR A 107 5.57 12.62 10.18
C THR A 107 5.36 12.62 11.69
N ALA A 108 6.06 11.73 12.39
CA ALA A 108 5.94 11.63 13.84
C ALA A 108 4.47 11.52 14.25
N GLY A 109 3.69 10.74 13.51
CA GLY A 109 2.29 10.49 13.83
C GLY A 109 1.29 11.43 13.23
N THR A 110 1.73 12.53 12.63
CA THR A 110 0.83 13.51 12.04
C THR A 110 0.72 13.30 10.55
N GLY A 111 -0.50 13.07 10.07
CA GLY A 111 -0.78 12.93 8.65
C GLY A 111 -1.44 14.19 8.14
N ASN A 112 -2.71 14.06 7.70
CA ASN A 112 -3.50 15.17 7.21
C ASN A 112 -2.95 15.79 5.94
N ARG A 113 -2.32 14.97 5.10
CA ARG A 113 -1.77 15.41 3.83
C ARG A 113 -2.38 14.63 2.67
N GLU A 114 -3.64 14.24 2.83
CA GLU A 114 -4.30 13.46 1.80
C GLU A 114 -4.42 14.24 0.50
N ALA A 115 -4.27 13.52 -0.60
CA ALA A 115 -4.62 14.01 -1.93
C ALA A 115 -5.28 12.88 -2.68
N ILE A 116 -6.28 13.24 -3.47
CA ILE A 116 -7.00 12.28 -4.29
C ILE A 116 -6.55 12.47 -5.74
N HIS A 117 -6.22 11.37 -6.41
CA HIS A 117 -5.77 11.37 -7.79
C HIS A 117 -6.71 10.55 -8.63
N ASP A 118 -7.08 11.10 -9.78
CA ASP A 118 -7.88 10.35 -10.74
C ASP A 118 -6.95 9.43 -11.54
N LEU A 119 -7.24 8.14 -11.54
CA LEU A 119 -6.36 7.19 -12.17
C LEU A 119 -6.40 7.22 -13.68
N GLY A 120 -7.59 7.41 -14.23
CA GLY A 120 -7.82 7.25 -15.66
C GLY A 120 -8.07 5.81 -16.08
N PHE A 121 -8.24 4.91 -15.10
CA PHE A 121 -8.54 3.52 -15.32
C PHE A 121 -9.18 3.00 -14.05
N ASP A 122 -9.78 1.81 -14.12
CA ASP A 122 -10.26 1.07 -12.96
C ASP A 122 -9.09 0.24 -12.42
N CYS A 123 -8.75 0.43 -11.15
CA CYS A 123 -7.58 -0.22 -10.58
C CYS A 123 -7.66 -1.75 -10.50
N SER A 124 -8.83 -2.33 -10.76
CA SER A 124 -8.99 -3.77 -10.85
C SER A 124 -8.90 -4.33 -12.26
N ASP A 125 -8.68 -3.49 -13.28
N ASP A 125 -8.74 -3.44 -13.22
CA ASP A 125 -8.76 -3.94 -14.67
CA ASP A 125 -8.67 -3.81 -14.61
C ASP A 125 -7.57 -4.74 -15.23
C ASP A 125 -7.20 -4.06 -14.99
N GLY A 126 -6.62 -5.07 -14.40
CA GLY A 126 -5.31 -5.52 -14.80
C GLY A 126 -4.28 -4.96 -13.84
N PHE A 127 -3.04 -5.37 -14.02
CA PHE A 127 -1.95 -4.83 -13.24
C PHE A 127 -1.55 -3.45 -13.74
N HIS A 128 -1.31 -2.56 -12.78
CA HIS A 128 -0.71 -1.25 -13.02
C HIS A 128 0.47 -1.09 -12.08
N GLU A 129 1.40 -0.22 -12.45
CA GLU A 129 2.63 -0.06 -11.69
C GLU A 129 2.56 1.15 -10.76
N TYR A 130 2.86 0.92 -9.48
CA TYR A 130 2.86 1.96 -8.46
C TYR A 130 4.24 2.04 -7.85
N VAL A 131 4.76 3.26 -7.76
CA VAL A 131 6.11 3.50 -7.29
C VAL A 131 6.11 4.61 -6.25
N ILE A 132 6.84 4.40 -5.16
CA ILE A 132 7.17 5.46 -4.21
C ILE A 132 8.68 5.67 -4.26
N LYS A 133 9.10 6.89 -4.55
CA LYS A 133 10.50 7.31 -4.48
C LYS A 133 10.65 8.18 -3.24
N TRP A 134 11.38 7.67 -2.25
CA TRP A 134 11.52 8.31 -0.95
C TRP A 134 12.97 8.75 -0.80
N GLY A 135 13.17 10.05 -0.71
CA GLY A 135 14.48 10.63 -0.41
C GLY A 135 14.37 11.56 0.76
N PRO A 136 15.52 12.03 1.23
CA PRO A 136 15.54 12.85 2.46
C PRO A 136 14.84 14.18 2.29
N ASP A 137 14.73 14.69 1.07
CA ASP A 137 14.00 15.94 0.91
C ASP A 137 13.01 15.98 -0.26
N LEU A 138 12.74 14.83 -0.85
CA LEU A 138 11.80 14.71 -1.96
C LEU A 138 11.14 13.36 -1.90
N ILE A 139 9.81 13.34 -1.99
CA ILE A 139 9.04 12.10 -2.17
C ILE A 139 8.24 12.25 -3.44
N GLN A 140 8.25 11.23 -4.27
CA GLN A 140 7.40 11.18 -5.46
C GLN A 140 6.61 9.90 -5.48
N TRP A 141 5.39 10.00 -5.98
CA TRP A 141 4.52 8.87 -6.25
C TRP A 141 4.33 8.81 -7.75
N LEU A 142 4.49 7.61 -8.32
CA LEU A 142 4.31 7.39 -9.76
C LEU A 142 3.28 6.29 -9.98
N ILE A 143 2.48 6.49 -11.02
CA ILE A 143 1.54 5.47 -11.49
C ILE A 143 1.80 5.28 -12.98
N ASP A 144 2.03 4.05 -13.38
CA ASP A 144 2.31 3.72 -14.76
C ASP A 144 3.37 4.65 -15.36
N GLY A 145 4.38 4.95 -14.56
CA GLY A 145 5.56 5.66 -15.04
C GLY A 145 5.45 7.16 -15.02
N LYS A 146 4.31 7.70 -14.58
CA LYS A 146 4.09 9.14 -14.53
C LYS A 146 4.08 9.61 -13.09
N VAL A 147 4.82 10.68 -12.80
CA VAL A 147 4.75 11.28 -11.48
C VAL A 147 3.38 11.91 -11.28
N ILE A 148 2.67 11.48 -10.25
CA ILE A 148 1.36 12.03 -9.92
C ILE A 148 1.39 13.00 -8.76
N ARG A 149 2.44 12.97 -7.95
CA ARG A 149 2.58 13.85 -6.81
C ARG A 149 4.04 13.91 -6.44
N SER A 150 4.53 15.12 -6.13
N SER A 150 4.46 15.08 -5.98
CA SER A 150 5.85 15.34 -5.54
CA SER A 150 5.83 15.35 -5.60
C SER A 150 5.67 16.22 -4.34
C SER A 150 5.82 16.33 -4.41
N VAL A 151 6.42 15.93 -3.28
CA VAL A 151 6.48 16.79 -2.11
C VAL A 151 7.92 16.94 -1.66
N ARG A 152 8.23 18.09 -1.07
CA ARG A 152 9.58 18.39 -0.59
C ARG A 152 9.58 18.66 0.89
N ALA A 153 10.73 18.41 1.54
CA ALA A 153 10.89 18.66 2.96
C ALA A 153 10.83 20.16 3.19
N ASP A 154 10.18 20.59 4.27
CA ASP A 154 9.91 22.03 4.49
C ASP A 154 9.76 22.52 5.93
N GLY A 155 10.29 21.77 6.89
CA GLY A 155 10.21 22.24 8.27
C GLY A 155 8.91 21.92 8.98
N GLU A 156 7.90 21.41 8.25
CA GLU A 156 6.66 20.96 8.84
C GLU A 156 6.62 19.44 8.74
N GLY A 157 7.78 18.84 8.92
CA GLY A 157 7.91 17.39 9.02
C GLY A 157 8.24 16.75 7.70
N PHE A 158 9.04 15.68 7.78
CA PHE A 158 9.28 14.86 6.61
C PHE A 158 9.62 13.44 7.05
N PRO A 159 9.16 12.42 6.32
CA PRO A 159 9.48 11.03 6.70
C PRO A 159 10.98 10.76 6.64
N GLN A 160 11.54 10.35 7.78
CA GLN A 160 12.98 10.17 7.91
CA GLN A 160 12.98 10.15 7.90
C GLN A 160 13.36 8.90 8.68
N LYS A 161 12.48 8.38 9.55
CA LYS A 161 12.78 7.13 10.22
C LYS A 161 12.90 6.00 9.20
N PRO A 162 13.71 4.98 9.49
CA PRO A 162 13.68 3.79 8.63
C PRO A 162 12.29 3.20 8.60
N MET A 163 11.91 2.67 7.43
CA MET A 163 10.54 2.18 7.22
C MET A 163 10.52 0.82 6.57
N PHE A 164 9.56 0.00 6.96
CA PHE A 164 9.20 -1.22 6.26
C PHE A 164 8.30 -0.88 5.07
N LEU A 165 8.32 -1.75 4.05
CA LEU A 165 7.27 -1.78 3.03
C LEU A 165 6.16 -2.68 3.53
N TYR A 166 4.92 -2.17 3.44
CA TYR A 166 3.72 -2.86 3.90
C TYR A 166 2.66 -2.86 2.78
N ALA A 167 1.75 -3.83 2.87
CA ALA A 167 0.51 -3.78 2.12
C ALA A 167 -0.55 -4.55 2.86
N SER A 168 -1.78 -4.04 2.86
CA SER A 168 -2.89 -4.73 3.48
C SER A 168 -4.17 -4.53 2.68
N VAL A 169 -5.15 -5.36 3.02
N VAL A 169 -5.16 -5.34 3.05
CA VAL A 169 -6.54 -5.16 2.65
CA VAL A 169 -6.56 -5.08 2.67
C VAL A 169 -7.30 -5.11 3.99
C VAL A 169 -7.38 -5.16 3.94
N TRP A 170 -8.15 -4.12 4.21
CA TRP A 170 -8.89 -4.00 5.45
C TRP A 170 -10.22 -3.31 5.22
N ASP A 171 -11.15 -3.58 6.15
CA ASP A 171 -12.46 -2.95 6.12
C ASP A 171 -12.38 -1.63 6.88
N ALA A 172 -12.38 -0.53 6.12
CA ALA A 172 -12.28 0.82 6.66
C ALA A 172 -13.65 1.52 6.70
N SER A 173 -14.72 0.76 6.53
CA SER A 173 -16.07 1.35 6.44
C SER A 173 -16.51 2.05 7.73
N TYR A 174 -15.91 1.67 8.85
CA TYR A 174 -16.24 2.28 10.13
C TYR A 174 -15.65 3.66 10.30
N ILE A 175 -14.68 4.03 9.45
CA ILE A 175 -14.00 5.31 9.55
CA ILE A 175 -14.05 5.32 9.57
C ILE A 175 -14.90 6.43 8.97
N ASP A 176 -15.05 7.53 9.72
CA ASP A 176 -15.81 8.69 9.25
C ASP A 176 -17.22 8.31 8.76
N GLU A 177 -17.85 7.39 9.49
CA GLU A 177 -19.25 7.00 9.22
C GLU A 177 -19.43 6.47 7.79
N GLY A 178 -18.39 5.85 7.26
CA GLY A 178 -18.45 5.27 5.94
C GLY A 178 -18.15 6.25 4.84
N ARG A 179 -17.86 7.51 5.16
CA ARG A 179 -17.66 8.50 4.12
C ARG A 179 -16.33 8.36 3.41
N TRP A 180 -15.35 7.72 4.03
CA TRP A 180 -14.01 7.63 3.45
C TRP A 180 -13.92 6.54 2.38
N THR A 181 -14.26 5.31 2.76
CA THR A 181 -14.21 4.21 1.84
C THR A 181 -15.57 3.66 1.40
N GLY A 182 -16.66 4.13 2.01
CA GLY A 182 -17.99 3.63 1.72
C GLY A 182 -18.42 2.60 2.74
N PRO A 183 -19.71 2.25 2.73
CA PRO A 183 -20.15 1.12 3.56
C PRO A 183 -19.63 -0.19 2.99
N TYR A 184 -19.38 -1.17 3.86
CA TYR A 184 -18.95 -2.47 3.36
C TYR A 184 -20.16 -3.27 2.93
N VAL A 185 -20.25 -3.57 1.65
CA VAL A 185 -21.36 -4.30 1.08
C VAL A 185 -21.04 -5.80 1.06
N GLY A 186 -19.88 -6.18 0.52
CA GLY A 186 -19.39 -7.54 0.65
C GLY A 186 -19.94 -8.55 -0.32
N CYS A 187 -20.69 -8.09 -1.32
CA CYS A 187 -21.42 -8.99 -2.18
C CYS A 187 -20.55 -9.77 -3.15
N ASP A 188 -19.32 -9.33 -3.35
CA ASP A 188 -18.40 -9.97 -4.28
C ASP A 188 -17.19 -10.60 -3.59
N ALA A 189 -17.32 -10.91 -2.31
CA ALA A 189 -16.27 -11.61 -1.60
C ALA A 189 -16.14 -13.02 -2.16
N PRO A 190 -14.93 -13.58 -2.17
CA PRO A 190 -13.67 -13.01 -1.67
C PRO A 190 -13.09 -11.97 -2.60
N TYR A 191 -12.52 -10.94 -1.98
CA TYR A 191 -11.85 -9.87 -2.69
C TYR A 191 -10.37 -10.15 -2.70
N ILE A 192 -9.77 -10.26 -3.88
CA ILE A 192 -8.38 -10.69 -4.00
C ILE A 192 -7.56 -9.54 -4.61
N CYS A 193 -6.59 -9.05 -3.85
CA CYS A 193 -5.69 -8.00 -4.31
C CYS A 193 -4.34 -8.65 -4.63
N LEU A 194 -3.86 -8.43 -5.85
N LEU A 194 -3.87 -8.45 -5.85
CA LEU A 194 -2.64 -9.09 -6.36
CA LEU A 194 -2.62 -9.08 -6.30
C LEU A 194 -1.49 -8.08 -6.44
C LEU A 194 -1.51 -8.05 -6.35
N TYR A 195 -0.35 -8.45 -5.85
CA TYR A 195 0.87 -7.66 -5.89
C TYR A 195 1.91 -8.49 -6.64
N LYS A 196 2.45 -7.96 -7.71
CA LYS A 196 3.42 -8.72 -8.51
C LYS A 196 4.67 -7.87 -8.73
N ASN A 197 5.82 -8.54 -8.75
CA ASN A 197 7.09 -7.89 -9.04
C ASN A 197 7.36 -6.77 -8.02
N VAL A 198 7.13 -7.07 -6.75
CA VAL A 198 7.45 -6.10 -5.71
C VAL A 198 8.95 -5.94 -5.66
N ASN A 199 9.43 -4.71 -5.76
CA ASN A 199 10.85 -4.39 -5.75
CA ASN A 199 10.85 -4.42 -5.73
C ASN A 199 11.16 -3.39 -4.65
N VAL A 200 12.31 -3.61 -4.04
CA VAL A 200 12.81 -2.77 -2.98
C VAL A 200 14.26 -2.40 -3.29
N PRO A 201 14.77 -1.40 -2.59
CA PRO A 201 16.15 -1.00 -2.84
C PRO A 201 17.18 -2.05 -2.50
N VAL A 202 18.28 -2.06 -3.24
N VAL A 202 18.25 -2.08 -3.29
CA VAL A 202 19.37 -3.01 -3.00
CA VAL A 202 19.50 -2.71 -2.90
C VAL A 202 20.27 -2.56 -1.85
C VAL A 202 20.32 -1.67 -2.15
N GLY A 203 20.51 -1.25 -1.73
N GLY A 203 20.85 -2.07 -1.00
CA GLY A 203 21.59 -0.76 -0.89
CA GLY A 203 21.81 -1.23 -0.32
C GLY A 203 21.21 -0.08 0.41
C GLY A 203 21.23 -0.04 0.44
N THR A 204 19.91 0.03 0.68
CA THR A 204 19.43 0.91 1.74
C THR A 204 18.72 0.17 2.88
N ALA A 205 18.70 -1.15 2.87
CA ALA A 205 18.20 -1.87 4.03
C ALA A 205 19.07 -1.55 5.24
N VAL A 206 18.45 -1.40 6.39
CA VAL A 206 19.17 -1.06 7.60
C VAL A 206 19.09 -2.15 8.63
N GLU A 207 19.96 -2.07 9.64
CA GLU A 207 20.00 -3.07 10.71
C1 GLC B . -1.82 4.54 7.02
C2 GLC B . -2.36 4.46 8.39
C3 GLC B . -2.12 3.01 8.77
C4 GLC B . -2.82 2.10 7.75
C5 GLC B . -2.27 2.40 6.36
C6 GLC B . -2.95 1.61 5.26
O1 GLC B . -0.47 4.65 6.83
O2 GLC B . -1.74 5.35 9.27
O3 GLC B . -2.51 2.74 10.11
O4 GLC B . -2.53 0.76 8.13
O5 GLC B . -2.45 3.79 6.09
O6 GLC B . -4.34 1.85 5.19
H1 GLC B . -2.14 5.54 6.73
H2 GLC B . -3.43 4.67 8.35
H3 GLC B . -1.06 2.78 8.65
H4 GLC B . -3.90 2.27 7.83
H5 GLC B . -1.21 2.15 6.36
H61 GLC B . -2.79 0.55 5.42
H62 GLC B . -2.49 1.87 4.30
HO1 GLC B . -0.02 4.65 7.70
HO2 GLC B . -1.05 5.85 8.80
HO3 GLC B . -2.86 3.55 10.52
HO4 GLC B . -1.96 0.77 8.93
HO6 GLC B . -4.60 2.48 5.90
C2 BGC B . -3.05 -1.53 8.16
C3 BGC B . -4.17 -2.50 8.30
C4 BGC B . -4.99 -2.19 9.52
C5 BGC B . -5.49 -0.77 9.45
C6 BGC B . -6.32 -0.32 10.63
C1 BGC B . -3.60 -0.11 8.16
O2 BGC B . -2.32 -1.75 6.97
O3 BGC B . -3.59 -3.84 8.37
O4 BGC B . -6.08 -3.14 9.52
O5 BGC B . -4.35 0.11 9.38
O6 BGC B . -5.61 -0.49 11.83
H2 BGC B . -2.46 -1.63 8.92
H3 BGC B . -4.74 -2.45 7.52
H4 BGC B . -4.44 -2.31 10.32
H5 BGC B . -6.02 -0.67 8.63
H61 BGC B . -7.14 -0.84 10.67
H62 BGC B . -6.55 0.63 10.52
H1 BGC B . -4.16 0.02 7.38
HO2 BGC B . -2.20 -2.63 6.85
HO3 BGC B . -3.35 -4.10 7.56
HO4 BGC B . -6.43 -3.19 8.71
HO6 BGC B . -6.10 -0.96 12.40
C2 BGC B . -7.51 -4.70 10.54
C3 BGC B . -7.75 -5.47 11.81
C4 BGC B . -6.49 -6.07 12.36
C5 BGC B . -5.42 -5.04 12.48
C6 BGC B . -4.07 -5.56 12.94
C1 BGC B . -6.38 -3.72 10.73
O2 BGC B . -8.68 -4.02 10.08
O3 BGC B . -8.73 -6.49 11.54
O4 BGC B . -6.78 -6.59 13.68
O5 BGC B . -5.21 -4.47 11.19
O6 BGC B . -3.08 -4.55 13.03
H2 BGC B . -7.24 -5.34 9.86
H3 BGC B . -8.11 -4.86 12.48
H4 BGC B . -6.20 -6.80 11.77
H5 BGC B . -5.73 -4.34 13.09
H61 BGC B . -3.78 -6.25 12.32
H62 BGC B . -4.19 -5.96 13.83
H1 BGC B . -6.62 -3.04 11.38
HO2 BGC B . -9.25 -4.62 9.76
HO3 BGC B . -8.42 -7.27 11.81
HO4 BGC B . -7.22 -5.98 14.15
HO6 BGC B . -3.47 -3.77 13.17
C2 BGC B . -6.37 -8.16 15.46
C3 BGC B . -6.04 -9.56 15.74
C4 BGC B . -6.89 -10.48 14.97
C5 BGC B . -6.87 -10.22 13.51
C6 BGC B . -7.86 -11.13 12.81
C1 BGC B . -6.37 -7.89 13.95
O2 BGC B . -5.39 -7.30 16.03
O3 BGC B . -6.22 -9.79 17.17
O4 BGC B . -6.40 -11.84 15.21
O5 BGC B . -7.28 -8.85 13.25
O6 BGC B . -9.17 -10.73 13.13
H2 BGC B . -7.25 -7.94 15.83
H3 BGC B . -5.11 -9.72 15.51
H4 BGC B . -7.81 -10.41 15.29
H5 BGC B . -5.98 -10.37 13.16
H61 BGC B . -7.71 -12.05 13.09
H62 BGC B . -7.72 -11.06 11.84
H1 BGC B . -5.46 -8.01 13.61
HO2 BGC B . -5.62 -7.08 16.85
HO3 BGC B . -7.08 -9.74 17.38
HO4 BGC B . -7.09 -12.40 15.28
HO6 BGC B . -9.16 -9.96 13.57
C2 BGC C . -6.04 8.59 6.44
C3 BGC C . -5.38 7.31 6.09
C4 BGC C . -5.42 6.36 7.26
C5 BGC C . -6.73 6.28 7.97
C6 BGC C . -6.68 5.36 9.17
C1 BGC C . -7.41 8.49 7.16
O1 BGC C . -7.78 9.67 7.59
O2 BGC C . -6.31 9.23 5.22
O3 BGC C . -4.04 7.71 5.49
O4 BGC C . -5.15 5.01 6.82
O5 BGC C . -7.24 7.58 8.37
O6 BGC C . -7.92 5.36 9.82
H2 BGC C . -5.42 9.13 6.97
H3 BGC C . -5.90 6.90 5.37
H4 BGC C . -4.74 6.63 7.90
H5 BGC C . -7.39 5.90 7.34
H61 BGC C . -6.00 5.68 9.78
H62 BGC C . -6.47 4.46 8.88
H1 BGC C . -8.08 8.13 6.57
HO1 BGC C . -7.54 10.29 6.99
HO2 BGC C . -7.09 8.96 4.90
HO3 BGC C . -3.54 6.99 5.36
HO4 BGC C . -5.92 4.63 6.54
HO6 BGC C . -7.80 5.28 10.70
#